data_8VY5
#
_entry.id   8VY5
#
_cell.length_a   103.197
_cell.length_b   70.187
_cell.length_c   87.591
_cell.angle_alpha   90.000
_cell.angle_beta   108.920
_cell.angle_gamma   90.000
#
_symmetry.space_group_name_H-M   'C 1 2 1'
#
loop_
_entity.id
_entity.type
_entity.pdbx_description
1 polymer 'SUMO-activating enzyme subunit 1, N-terminally processed'
2 water water
#
_entity_poly.entity_id   1
_entity_poly.type   'polypeptide(L)'
_entity_poly.pdbx_seq_one_letter_code
;GAMGSGGISEEEAAQYDRQIRLWGLEAQKRLRASRVLLVGLKGLGAEIAKNLILAGVKGLTMLDHEQVTPEDPGAQFLIR
TGSVGRNRAEASLERAQNLNPMVDVKVDTEDIEKKPESFFTQFDAVCLTCCSRDVIVKVDQICHKNSIKFFTGDVFGYHG
YTFANLGEHEFVEEKTETTMVKKKVVFCPVKEALEVDWSSEKAKAALKRTTSDYFLLQVLLKFRTDKGRDPSSDTYEEDS
ELLLQIRNDVLDSLGISPDLLPEDFVRYCFSEMAPVCAVVGGILAQEIVKALSQRDPPHNNFFFFDGMKGNGIVECLGPK
;
_entity_poly.pdbx_strand_id   A,B
#
# COMPACT_ATOMS: atom_id res chain seq x y z
N GLY A 24 18.04 1.19 10.92
CA GLY A 24 19.00 0.79 11.93
C GLY A 24 20.09 -0.06 11.32
N LEU A 25 21.22 -0.19 12.01
CA LEU A 25 22.36 -0.93 11.48
C LEU A 25 22.24 -2.42 11.75
N GLU A 26 22.22 -2.82 13.02
CA GLU A 26 22.02 -4.23 13.35
C GLU A 26 20.61 -4.69 13.02
N ALA A 27 19.66 -3.76 12.92
CA ALA A 27 18.33 -4.10 12.42
C ALA A 27 18.41 -4.68 11.02
N GLN A 28 19.23 -4.09 10.15
CA GLN A 28 19.41 -4.62 8.80
C GLN A 28 20.02 -6.02 8.83
N LYS A 29 20.98 -6.27 9.73
CA LYS A 29 21.56 -7.61 9.80
C LYS A 29 20.49 -8.65 10.14
N ARG A 30 19.59 -8.33 11.07
CA ARG A 30 18.48 -9.22 11.38
C ARG A 30 17.59 -9.41 10.16
N LEU A 31 17.20 -8.30 9.52
CA LEU A 31 16.30 -8.39 8.37
C LEU A 31 16.90 -9.23 7.25
N ARG A 32 18.19 -9.04 6.97
CA ARG A 32 18.82 -9.75 5.87
C ARG A 32 19.07 -11.21 6.19
N ALA A 33 18.99 -11.60 7.47
CA ALA A 33 19.11 -13.00 7.88
C ALA A 33 17.76 -13.68 8.07
N SER A 34 16.66 -12.99 7.80
CA SER A 34 15.34 -13.50 8.14
C SER A 34 14.74 -14.29 6.99
N ARG A 35 14.01 -15.33 7.32
CA ARG A 35 13.31 -16.17 6.36
C ARG A 35 11.81 -16.09 6.65
N VAL A 36 11.01 -15.88 5.61
CA VAL A 36 9.60 -15.57 5.75
C VAL A 36 8.79 -16.59 4.97
N LEU A 37 7.72 -17.10 5.59
CA LEU A 37 6.75 -17.95 4.92
C LEU A 37 5.55 -17.11 4.54
N LEU A 38 5.20 -17.12 3.26
CA LEU A 38 4.05 -16.39 2.75
C LEU A 38 3.08 -17.38 2.10
N VAL A 39 1.86 -17.42 2.63
CA VAL A 39 0.85 -18.38 2.19
C VAL A 39 -0.24 -17.62 1.46
N GLY A 40 -0.58 -18.08 0.25
CA GLY A 40 -1.61 -17.45 -0.53
C GLY A 40 -1.06 -16.40 -1.47
N LEU A 41 -1.09 -16.68 -2.78
CA LEU A 41 -0.48 -15.79 -3.75
C LEU A 41 -1.53 -15.20 -4.68
N LYS A 42 -2.64 -14.73 -4.08
CA LYS A 42 -3.61 -13.89 -4.77
C LYS A 42 -3.18 -12.43 -4.64
N GLY A 43 -4.10 -11.49 -4.88
CA GLY A 43 -3.71 -10.09 -5.00
C GLY A 43 -2.95 -9.57 -3.81
N LEU A 44 -3.37 -9.86 -2.58
CA LEU A 44 -2.63 -9.35 -1.44
C LEU A 44 -1.25 -10.00 -1.33
N GLY A 45 -1.16 -11.31 -1.56
CA GLY A 45 0.09 -12.03 -1.33
C GLY A 45 1.30 -11.55 -2.14
N ALA A 46 1.14 -11.28 -3.45
CA ALA A 46 2.30 -10.81 -4.22
C ALA A 46 2.72 -9.41 -3.80
N GLU A 47 1.74 -8.57 -3.45
CA GLU A 47 2.12 -7.26 -2.98
C GLU A 47 3.02 -7.41 -1.77
N ILE A 48 2.66 -8.33 -0.87
CA ILE A 48 3.51 -8.62 0.28
C ILE A 48 4.84 -9.20 -0.18
N ALA A 49 4.80 -10.15 -1.11
CA ALA A 49 6.03 -10.76 -1.62
C ALA A 49 6.93 -9.70 -2.25
N LYS A 50 6.36 -8.82 -3.08
CA LYS A 50 7.17 -7.81 -3.76
C LYS A 50 7.86 -6.91 -2.76
N ASN A 51 7.12 -6.45 -1.74
CA ASN A 51 7.72 -5.56 -0.74
C ASN A 51 8.79 -6.28 0.07
N LEU A 52 8.53 -7.53 0.46
CA LEU A 52 9.50 -8.29 1.25
C LEU A 52 10.75 -8.62 0.43
N ILE A 53 10.58 -8.95 -0.85
CA ILE A 53 11.72 -9.29 -1.69
C ILE A 53 12.57 -8.04 -1.94
N LEU A 54 11.93 -6.90 -2.22
CA LEU A 54 12.67 -5.66 -2.40
C LEU A 54 13.41 -5.26 -1.12
N ALA A 55 12.83 -5.54 0.05
CA ALA A 55 13.47 -5.20 1.32
C ALA A 55 14.71 -6.04 1.58
N GLY A 56 14.86 -7.17 0.91
CA GLY A 56 16.08 -7.94 1.03
C GLY A 56 16.14 -8.97 2.13
N VAL A 57 15.01 -9.61 2.47
CA VAL A 57 15.07 -10.70 3.43
C VAL A 57 15.98 -11.80 2.85
N LYS A 58 16.55 -12.62 3.73
CA LYS A 58 17.33 -13.76 3.28
C LYS A 58 16.53 -14.64 2.31
N GLY A 59 15.35 -15.06 2.72
CA GLY A 59 14.56 -15.96 1.91
C GLY A 59 13.07 -15.74 2.12
N LEU A 60 12.31 -16.01 1.07
CA LEU A 60 10.85 -15.97 1.12
C LEU A 60 10.32 -17.22 0.45
N THR A 61 9.49 -17.97 1.17
CA THR A 61 8.83 -19.14 0.61
C THR A 61 7.39 -18.77 0.29
N MET A 62 7.03 -18.88 -0.99
CA MET A 62 5.68 -18.59 -1.46
C MET A 62 4.93 -19.92 -1.56
N LEU A 63 3.91 -20.10 -0.71
CA LEU A 63 3.16 -21.34 -0.65
C LEU A 63 1.74 -21.11 -1.13
N ASP A 64 1.31 -21.91 -2.11
CA ASP A 64 -0.07 -21.88 -2.60
C ASP A 64 -0.33 -23.16 -3.38
N HIS A 65 -1.39 -23.88 -3.00
CA HIS A 65 -1.78 -25.11 -3.68
C HIS A 65 -2.86 -24.91 -4.74
N GLU A 66 -3.41 -23.70 -4.86
CA GLU A 66 -4.48 -23.46 -5.81
C GLU A 66 -3.93 -23.10 -7.19
N GLN A 67 -4.78 -23.29 -8.19
CA GLN A 67 -4.40 -22.96 -9.56
C GLN A 67 -4.84 -21.54 -9.90
N VAL A 68 -4.18 -20.97 -10.91
CA VAL A 68 -4.52 -19.63 -11.35
C VAL A 68 -5.95 -19.62 -11.89
N THR A 69 -6.72 -18.65 -11.44
CA THR A 69 -8.09 -18.48 -11.85
C THR A 69 -8.13 -17.39 -12.91
N PRO A 70 -9.17 -17.34 -13.75
CA PRO A 70 -9.24 -16.25 -14.74
C PRO A 70 -9.20 -14.87 -14.12
N GLU A 71 -9.69 -14.72 -12.87
CA GLU A 71 -9.78 -13.41 -12.24
C GLU A 71 -8.47 -12.97 -11.59
N ASP A 72 -7.57 -13.90 -11.30
CA ASP A 72 -6.35 -13.53 -10.56
C ASP A 72 -5.52 -12.43 -11.20
N PRO A 73 -5.25 -12.42 -12.52
CA PRO A 73 -4.34 -11.41 -13.06
C PRO A 73 -4.84 -9.97 -12.98
N GLY A 74 -6.09 -9.77 -12.51
CA GLY A 74 -6.65 -8.42 -12.45
C GLY A 74 -5.97 -7.54 -11.43
N ALA A 75 -5.60 -8.12 -10.30
CA ALA A 75 -4.82 -7.42 -9.33
C ALA A 75 -3.42 -7.94 -9.31
N GLN A 76 -3.10 -9.00 -10.03
CA GLN A 76 -1.88 -9.60 -9.60
C GLN A 76 -0.81 -9.64 -10.67
N PHE A 77 0.25 -8.91 -10.37
CA PHE A 77 1.35 -8.58 -11.23
C PHE A 77 2.47 -9.60 -11.27
N LEU A 78 2.46 -10.66 -10.47
CA LEU A 78 3.57 -11.60 -10.57
C LEU A 78 3.34 -12.72 -11.58
N ILE A 79 2.12 -12.87 -12.11
CA ILE A 79 1.78 -13.98 -12.98
C ILE A 79 1.53 -13.45 -14.39
N ARG A 80 2.19 -14.05 -15.38
CA ARG A 80 2.02 -13.68 -16.77
C ARG A 80 0.60 -13.96 -17.25
N THR A 81 0.08 -13.11 -18.12
CA THR A 81 -1.27 -13.29 -18.65
C THR A 81 -1.39 -14.61 -19.39
N GLY A 82 -2.55 -15.23 -19.28
CA GLY A 82 -2.77 -16.51 -19.91
C GLY A 82 -2.28 -17.71 -19.13
N SER A 83 -2.14 -17.57 -17.81
CA SER A 83 -1.65 -18.64 -16.95
C SER A 83 -2.77 -19.38 -16.24
N VAL A 84 -4.01 -19.26 -16.72
CA VAL A 84 -5.13 -19.96 -16.10
C VAL A 84 -4.86 -21.45 -16.08
N GLY A 85 -5.04 -22.07 -14.92
CA GLY A 85 -4.79 -23.48 -14.72
C GLY A 85 -3.43 -23.81 -14.14
N ARG A 86 -2.48 -22.89 -14.23
CA ARG A 86 -1.19 -23.06 -13.58
C ARG A 86 -1.31 -22.87 -12.08
N ASN A 87 -0.44 -23.54 -11.33
CA ASN A 87 -0.36 -23.31 -9.90
C ASN A 87 0.07 -21.88 -9.62
N ARG A 88 -0.62 -21.24 -8.67
CA ARG A 88 -0.43 -19.81 -8.45
C ARG A 88 0.97 -19.50 -7.94
N ALA A 89 1.52 -20.35 -7.08
CA ALA A 89 2.86 -20.12 -6.56
C ALA A 89 3.92 -20.29 -7.64
N GLU A 90 3.84 -21.40 -8.40
CA GLU A 90 4.82 -21.64 -9.46
C GLU A 90 4.76 -20.55 -10.53
N ALA A 91 3.56 -20.09 -10.87
CA ALA A 91 3.40 -19.05 -11.88
C ALA A 91 3.92 -17.70 -11.42
N SER A 92 4.17 -17.52 -10.13
CA SER A 92 4.64 -16.26 -9.57
C SER A 92 6.16 -16.20 -9.40
N LEU A 93 6.85 -17.35 -9.52
CA LEU A 93 8.23 -17.44 -9.08
C LEU A 93 9.16 -16.56 -9.90
N GLU A 94 9.06 -16.63 -11.23
CA GLU A 94 10.03 -15.93 -12.08
C GLU A 94 10.02 -14.42 -11.83
N ARG A 95 8.83 -13.82 -11.84
CA ARG A 95 8.77 -12.38 -11.63
C ARG A 95 9.12 -11.99 -10.19
N ALA A 96 8.76 -12.83 -9.22
CA ALA A 96 9.13 -12.56 -7.84
C ALA A 96 10.64 -12.60 -7.66
N GLN A 97 11.27 -13.67 -8.17
CA GLN A 97 12.71 -13.81 -8.04
C GLN A 97 13.45 -12.69 -8.77
N ASN A 98 12.91 -12.24 -9.91
CA ASN A 98 13.56 -11.19 -10.70
C ASN A 98 13.64 -9.86 -9.95
N LEU A 99 12.81 -9.67 -8.92
CA LEU A 99 12.81 -8.42 -8.18
C LEU A 99 14.12 -8.21 -7.43
N ASN A 100 14.71 -9.29 -6.91
CA ASN A 100 15.94 -9.18 -6.14
C ASN A 100 16.68 -10.52 -6.21
N PRO A 101 17.67 -10.64 -7.08
CA PRO A 101 18.42 -11.91 -7.17
C PRO A 101 19.13 -12.31 -5.88
N MET A 102 19.38 -11.36 -4.97
CA MET A 102 20.00 -11.69 -3.69
C MET A 102 19.06 -12.37 -2.70
N VAL A 103 17.76 -12.44 -2.98
CA VAL A 103 16.79 -13.07 -2.10
C VAL A 103 16.55 -14.51 -2.58
N ASP A 104 16.55 -15.46 -1.65
CA ASP A 104 16.28 -16.86 -1.98
C ASP A 104 14.77 -17.07 -1.97
N VAL A 105 14.16 -16.92 -3.15
CA VAL A 105 12.72 -17.08 -3.31
C VAL A 105 12.43 -18.52 -3.70
N LYS A 106 11.55 -19.18 -2.94
CA LYS A 106 11.16 -20.55 -3.21
C LYS A 106 9.64 -20.65 -3.29
N VAL A 107 9.17 -21.69 -3.98
CA VAL A 107 7.74 -21.96 -4.11
C VAL A 107 7.43 -23.33 -3.51
N ASP A 108 6.25 -23.44 -2.92
CA ASP A 108 5.76 -24.67 -2.32
C ASP A 108 4.32 -24.83 -2.75
N THR A 109 4.00 -25.94 -3.42
CA THR A 109 2.67 -26.16 -3.98
C THR A 109 1.82 -27.05 -3.09
N GLU A 110 2.29 -27.34 -1.87
CA GLU A 110 1.59 -28.23 -0.97
C GLU A 110 0.62 -27.44 -0.11
N ASP A 111 -0.58 -27.99 0.09
CA ASP A 111 -1.59 -27.36 0.93
C ASP A 111 -1.01 -27.09 2.32
N ILE A 112 -1.27 -25.88 2.84
CA ILE A 112 -0.74 -25.50 4.13
C ILE A 112 -1.24 -26.44 5.22
N GLU A 113 -2.42 -27.03 5.04
CA GLU A 113 -2.97 -27.96 6.03
C GLU A 113 -2.22 -29.29 6.04
N LYS A 114 -1.46 -29.59 4.99
CA LYS A 114 -0.62 -30.80 4.97
C LYS A 114 0.61 -30.66 5.83
N LYS A 115 1.05 -29.45 6.10
CA LYS A 115 2.38 -29.22 6.64
C LYS A 115 2.51 -29.74 8.06
N PRO A 116 3.57 -30.47 8.38
CA PRO A 116 3.83 -30.82 9.79
C PRO A 116 4.35 -29.61 10.53
N GLU A 117 4.31 -29.71 11.86
CA GLU A 117 4.73 -28.58 12.70
C GLU A 117 6.17 -28.19 12.42
N SER A 118 7.04 -29.16 12.15
CA SER A 118 8.45 -28.90 11.92
C SER A 118 8.69 -27.98 10.73
N PHE A 119 7.75 -27.92 9.78
CA PHE A 119 7.94 -27.10 8.58
C PHE A 119 8.00 -25.61 8.92
N PHE A 120 7.25 -25.18 9.94
CA PHE A 120 7.21 -23.76 10.28
C PHE A 120 8.45 -23.27 11.00
N THR A 121 9.17 -24.16 11.69
CA THR A 121 10.29 -23.75 12.53
C THR A 121 11.47 -23.20 11.73
N GLN A 122 11.52 -23.43 10.42
CA GLN A 122 12.59 -22.86 9.60
C GLN A 122 12.37 -21.40 9.28
N PHE A 123 11.21 -20.84 9.62
CA PHE A 123 10.88 -19.47 9.27
C PHE A 123 10.89 -18.57 10.51
N ASP A 124 11.30 -17.32 10.29
CA ASP A 124 11.29 -16.32 11.35
C ASP A 124 9.95 -15.61 11.43
N ALA A 125 9.19 -15.56 10.34
CA ALA A 125 7.86 -14.97 10.33
C ALA A 125 6.98 -15.73 9.37
N VAL A 126 5.70 -15.83 9.72
CA VAL A 126 4.69 -16.50 8.90
C VAL A 126 3.57 -15.50 8.63
N CYS A 127 3.16 -15.39 7.37
CA CYS A 127 2.09 -14.46 6.97
C CYS A 127 1.08 -15.24 6.14
N LEU A 128 -0.19 -15.22 6.57
CA LEU A 128 -1.25 -15.99 5.95
C LEU A 128 -2.21 -15.06 5.22
N THR A 129 -2.51 -15.38 3.97
CA THR A 129 -3.63 -14.79 3.24
C THR A 129 -4.45 -15.92 2.63
N CYS A 130 -5.75 -15.64 2.44
CA CYS A 130 -6.69 -16.60 1.84
C CYS A 130 -6.77 -17.91 2.62
N CYS A 131 -6.52 -17.86 3.93
CA CYS A 131 -6.62 -19.06 4.74
C CYS A 131 -7.91 -19.04 5.54
N SER A 132 -8.45 -20.22 5.78
CA SER A 132 -9.67 -20.31 6.56
C SER A 132 -9.38 -19.96 8.01
N ARG A 133 -10.47 -19.66 8.73
CA ARG A 133 -10.37 -19.24 10.11
C ARG A 133 -9.74 -20.33 10.97
N ASP A 134 -10.12 -21.60 10.77
CA ASP A 134 -9.52 -22.69 11.52
C ASP A 134 -8.03 -22.82 11.24
N VAL A 135 -7.64 -22.66 9.97
CA VAL A 135 -6.21 -22.70 9.62
C VAL A 135 -5.45 -21.57 10.30
N ILE A 136 -6.06 -20.38 10.38
CA ILE A 136 -5.39 -19.23 10.97
C ILE A 136 -5.14 -19.47 12.46
N VAL A 137 -6.12 -20.06 13.15
CA VAL A 137 -5.94 -20.37 14.57
C VAL A 137 -4.83 -21.40 14.76
N LYS A 138 -4.85 -22.48 13.97
CA LYS A 138 -3.88 -23.55 14.16
C LYS A 138 -2.46 -23.07 13.93
N VAL A 139 -2.25 -22.30 12.85
CA VAL A 139 -0.92 -21.79 12.55
C VAL A 139 -0.47 -20.78 13.59
N ASP A 140 -1.41 -19.96 14.08
CA ASP A 140 -1.05 -19.02 15.14
C ASP A 140 -0.57 -19.75 16.39
N GLN A 141 -1.24 -20.86 16.74
CA GLN A 141 -0.83 -21.62 17.91
C GLN A 141 0.52 -22.29 17.71
N ILE A 142 0.79 -22.79 16.50
CA ILE A 142 2.12 -23.34 16.20
C ILE A 142 3.18 -22.26 16.34
N CYS A 143 2.92 -21.08 15.80
CA CYS A 143 3.90 -20.00 15.86
C CYS A 143 4.12 -19.52 17.28
N HIS A 144 3.06 -19.42 18.07
CA HIS A 144 3.21 -19.02 19.47
C HIS A 144 4.07 -20.01 20.23
N LYS A 145 3.85 -21.31 20.00
CA LYS A 145 4.62 -22.32 20.72
C LYS A 145 6.08 -22.30 20.32
N ASN A 146 6.39 -21.99 19.07
CA ASN A 146 7.76 -21.94 18.58
C ASN A 146 8.30 -20.52 18.46
N SER A 147 7.59 -19.53 19.00
CA SER A 147 8.03 -18.14 19.02
C SER A 147 8.37 -17.61 17.63
N ILE A 148 7.48 -17.87 16.68
CA ILE A 148 7.59 -17.35 15.33
C ILE A 148 6.59 -16.21 15.18
N LYS A 149 7.04 -15.10 14.62
CA LYS A 149 6.16 -13.97 14.37
C LYS A 149 5.05 -14.38 13.39
N PHE A 150 3.81 -14.13 13.77
CA PHE A 150 2.65 -14.56 13.01
C PHE A 150 1.86 -13.35 12.51
N PHE A 151 1.46 -13.42 11.25
CA PHE A 151 0.64 -12.39 10.62
C PHE A 151 -0.45 -13.04 9.80
N THR A 152 -1.56 -12.32 9.62
CA THR A 152 -2.57 -12.70 8.64
C THR A 152 -3.18 -11.44 8.05
N GLY A 153 -3.69 -11.57 6.83
CA GLY A 153 -4.35 -10.46 6.16
C GLY A 153 -5.10 -10.94 4.95
N ASP A 154 -6.07 -10.13 4.52
CA ASP A 154 -6.89 -10.43 3.36
C ASP A 154 -7.47 -9.14 2.83
N VAL A 155 -7.87 -9.17 1.55
CA VAL A 155 -8.64 -8.08 0.96
C VAL A 155 -9.94 -8.65 0.41
N PHE A 156 -11.04 -7.93 0.63
CA PHE A 156 -12.35 -8.26 0.10
C PHE A 156 -12.90 -6.99 -0.53
N GLY A 157 -12.84 -6.90 -1.86
CA GLY A 157 -13.32 -5.71 -2.53
C GLY A 157 -12.54 -4.48 -2.10
N TYR A 158 -13.26 -3.44 -1.69
CA TYR A 158 -12.63 -2.20 -1.26
C TYR A 158 -12.04 -2.27 0.15
N HIS A 159 -12.29 -3.34 0.89
CA HIS A 159 -11.84 -3.47 2.27
C HIS A 159 -10.65 -4.41 2.39
N GLY A 160 -9.88 -4.20 3.46
CA GLY A 160 -8.73 -5.04 3.74
C GLY A 160 -8.40 -4.99 5.22
N TYR A 161 -7.62 -5.98 5.66
CA TYR A 161 -7.22 -6.04 7.07
C TYR A 161 -5.87 -6.71 7.18
N THR A 162 -5.20 -6.42 8.30
CA THR A 162 -3.99 -7.12 8.72
C THR A 162 -4.09 -7.43 10.21
N PHE A 163 -3.48 -8.55 10.61
CA PHE A 163 -3.43 -8.96 12.01
C PHE A 163 -2.02 -9.41 12.33
N ALA A 164 -1.57 -9.09 13.55
CA ALA A 164 -0.24 -9.48 14.00
C ALA A 164 -0.31 -10.11 15.38
N ASN A 165 0.42 -11.21 15.55
CA ASN A 165 0.65 -11.81 16.86
C ASN A 165 2.15 -12.03 16.97
N LEU A 166 2.83 -11.11 17.64
CA LEU A 166 4.27 -11.17 17.86
C LEU A 166 4.59 -11.64 19.28
N GLY A 167 3.58 -12.12 20.00
CA GLY A 167 3.75 -12.61 21.35
C GLY A 167 4.21 -11.50 22.26
N GLU A 168 5.32 -11.71 22.96
CA GLU A 168 5.92 -10.65 23.78
C GLU A 168 6.99 -9.98 22.94
N HIS A 169 6.64 -8.82 22.38
CA HIS A 169 7.51 -8.20 21.40
C HIS A 169 8.08 -6.90 21.95
N GLU A 170 9.38 -7.07 22.11
CA GLU A 170 10.56 -6.30 22.36
C GLU A 170 11.14 -5.63 21.14
N PHE A 171 11.40 -4.32 21.24
CA PHE A 171 11.85 -3.47 20.14
C PHE A 171 12.47 -2.18 20.70
N VAL A 172 13.19 -1.47 19.81
CA VAL A 172 13.90 -0.22 20.10
C VAL A 172 13.24 0.92 19.34
N GLU A 173 13.19 2.10 19.97
CA GLU A 173 12.57 3.27 19.34
C GLU A 173 13.48 4.49 19.56
N GLU A 174 12.94 5.68 19.31
CA GLU A 174 13.67 6.92 19.52
C GLU A 174 12.88 7.82 20.46
N LYS A 175 13.41 9.03 20.65
CA LYS A 175 12.74 10.07 21.42
C LYS A 175 13.26 11.45 21.03
N THR A 179 19.09 8.54 21.51
CA THR A 179 17.93 8.33 22.38
C THR A 179 17.25 7.00 22.08
N MET A 180 17.77 5.93 22.65
CA MET A 180 17.24 4.59 22.46
C MET A 180 16.24 4.25 23.56
N VAL A 181 15.15 3.58 23.19
CA VAL A 181 14.10 3.18 24.12
C VAL A 181 13.77 1.72 23.82
N LYS A 182 14.26 0.81 24.67
CA LYS A 182 13.88 -0.59 24.57
C LYS A 182 12.47 -0.77 25.12
N LYS A 183 11.51 -1.05 24.24
CA LYS A 183 10.11 -1.12 24.61
C LYS A 183 9.57 -2.52 24.32
N LYS A 184 8.63 -2.95 25.16
CA LYS A 184 7.99 -4.26 25.07
C LYS A 184 6.49 -4.06 24.86
N VAL A 185 5.92 -4.81 23.92
CA VAL A 185 4.47 -4.83 23.73
C VAL A 185 4.02 -6.29 23.69
N VAL A 186 2.98 -6.60 24.46
CA VAL A 186 2.46 -7.96 24.57
C VAL A 186 1.33 -8.14 23.57
N PHE A 187 1.35 -9.25 22.84
CA PHE A 187 0.28 -9.58 21.91
C PHE A 187 -0.54 -10.74 22.45
N CYS A 188 -1.63 -11.03 21.76
CA CYS A 188 -2.61 -12.01 22.19
C CYS A 188 -2.92 -12.96 21.02
N PRO A 189 -3.31 -14.19 21.31
CA PRO A 189 -3.58 -15.14 20.20
C PRO A 189 -4.73 -14.68 19.34
N VAL A 190 -4.74 -15.18 18.10
CA VAL A 190 -5.74 -14.75 17.12
C VAL A 190 -7.10 -15.31 17.49
N LYS A 191 -7.15 -16.48 18.14
CA LYS A 191 -8.42 -17.02 18.60
C LYS A 191 -9.10 -16.05 19.56
N GLU A 192 -8.32 -15.49 20.50
CA GLU A 192 -8.87 -14.50 21.42
C GLU A 192 -9.20 -13.19 20.71
N ALA A 193 -8.42 -12.82 19.68
CA ALA A 193 -8.73 -11.60 18.95
C ALA A 193 -9.98 -11.74 18.10
N LEU A 194 -10.26 -12.94 17.59
CA LEU A 194 -11.44 -13.17 16.77
C LEU A 194 -12.68 -13.51 17.58
N GLU A 195 -12.53 -13.77 18.89
CA GLU A 195 -13.66 -13.94 19.79
C GLU A 195 -13.57 -12.85 20.85
N VAL A 196 -14.46 -11.86 20.77
CA VAL A 196 -14.50 -10.78 21.75
C VAL A 196 -15.85 -10.84 22.44
N ASP A 197 -15.81 -11.04 23.75
CA ASP A 197 -17.03 -11.02 24.56
C ASP A 197 -17.53 -9.59 24.63
N TRP A 198 -18.61 -9.31 23.91
CA TRP A 198 -19.24 -8.00 23.95
C TRP A 198 -20.32 -7.90 25.03
N SER A 199 -20.37 -8.86 25.96
CA SER A 199 -21.35 -8.85 27.03
C SER A 199 -20.81 -8.26 28.32
N SER A 200 -19.49 -8.08 28.45
CA SER A 200 -18.96 -7.32 29.56
C SER A 200 -19.23 -5.84 29.34
N GLU A 201 -19.69 -5.15 30.39
CA GLU A 201 -20.06 -3.74 30.26
C GLU A 201 -18.92 -2.91 29.69
N LYS A 202 -17.67 -3.27 30.02
CA LYS A 202 -16.51 -2.63 29.41
C LYS A 202 -16.51 -2.78 27.89
N ALA A 203 -17.01 -3.91 27.40
CA ALA A 203 -17.01 -4.15 25.95
C ALA A 203 -18.08 -3.33 25.25
N LYS A 204 -19.20 -3.03 25.92
CA LYS A 204 -20.24 -2.22 25.29
C LYS A 204 -19.72 -0.84 24.91
N ALA A 205 -18.98 -0.20 25.83
CA ALA A 205 -18.45 1.13 25.56
C ALA A 205 -17.44 1.10 24.41
N ALA A 206 -16.54 0.13 24.43
CA ALA A 206 -15.55 0.01 23.36
C ALA A 206 -16.20 -0.36 22.03
N LEU A 207 -17.42 -0.90 22.05
CA LEU A 207 -18.10 -1.27 20.83
C LEU A 207 -18.46 -0.05 19.98
N LYS A 208 -18.83 1.06 20.64
CA LYS A 208 -19.23 2.26 19.91
C LYS A 208 -18.08 2.84 19.09
N ARG A 209 -16.83 2.60 19.50
CA ARG A 209 -15.66 3.09 18.78
C ARG A 209 -14.97 1.97 18.01
N THR A 210 -15.68 0.89 17.70
CA THR A 210 -15.14 -0.22 16.93
C THR A 210 -15.43 -0.01 15.45
N THR A 211 -14.43 -0.32 14.62
CA THR A 211 -14.47 0.06 13.21
C THR A 211 -15.65 -0.54 12.46
N SER A 212 -16.17 -1.68 12.93
CA SER A 212 -17.25 -2.45 12.31
C SER A 212 -16.77 -3.18 11.07
N ASP A 213 -15.56 -2.85 10.59
CA ASP A 213 -14.88 -3.71 9.62
C ASP A 213 -14.46 -5.00 10.30
N TYR A 214 -14.25 -4.95 11.61
CA TYR A 214 -13.96 -6.15 12.39
C TYR A 214 -15.11 -7.15 12.30
N PHE A 215 -16.35 -6.65 12.36
CA PHE A 215 -17.50 -7.51 12.18
C PHE A 215 -17.69 -7.90 10.72
N LEU A 216 -17.28 -7.02 9.79
CA LEU A 216 -17.23 -7.41 8.39
C LEU A 216 -16.26 -8.56 8.18
N LEU A 217 -15.12 -8.52 8.88
CA LEU A 217 -14.17 -9.64 8.81
C LEU A 217 -14.81 -10.93 9.31
N GLN A 218 -15.57 -10.84 10.40
CA GLN A 218 -16.24 -12.03 10.92
C GLN A 218 -17.23 -12.60 9.93
N VAL A 219 -17.99 -11.74 9.25
CA VAL A 219 -18.95 -12.19 8.25
C VAL A 219 -18.23 -12.88 7.09
N LEU A 220 -17.18 -12.23 6.57
CA LEU A 220 -16.48 -12.78 5.42
C LEU A 220 -15.70 -14.03 5.79
N LEU A 221 -15.20 -14.09 7.03
CA LEU A 221 -14.46 -15.28 7.44
C LEU A 221 -15.38 -16.48 7.61
N LYS A 222 -16.63 -16.30 7.97
CA LYS A 222 -17.46 -17.49 8.02
C LYS A 222 -18.00 -17.86 6.64
N PHE A 223 -18.12 -16.89 5.72
CA PHE A 223 -18.41 -17.23 4.34
C PHE A 223 -17.30 -18.13 3.79
N ARG A 224 -16.05 -17.77 4.06
CA ARG A 224 -14.93 -18.60 3.63
C ARG A 224 -15.01 -20.00 4.21
N THR A 225 -15.36 -20.11 5.49
CA THR A 225 -15.50 -21.42 6.12
C THR A 225 -16.63 -22.21 5.50
N ASP A 226 -17.80 -21.58 5.33
CA ASP A 226 -18.97 -22.29 4.84
C ASP A 226 -18.83 -22.71 3.38
N LYS A 227 -18.25 -21.83 2.55
CA LYS A 227 -18.23 -22.04 1.11
C LYS A 227 -16.92 -22.58 0.58
N GLY A 228 -15.86 -22.58 1.39
CA GLY A 228 -14.57 -23.00 0.85
C GLY A 228 -13.99 -22.03 -0.14
N ARG A 229 -14.58 -20.84 -0.27
CA ARG A 229 -14.11 -19.82 -1.20
C ARG A 229 -14.57 -18.47 -0.68
N ASP A 230 -14.07 -17.43 -1.30
CA ASP A 230 -14.49 -16.07 -0.99
C ASP A 230 -15.62 -15.66 -1.91
N PRO A 231 -16.39 -14.63 -1.54
CA PRO A 231 -17.45 -14.16 -2.44
C PRO A 231 -16.89 -13.81 -3.81
N SER A 232 -17.55 -14.31 -4.85
CA SER A 232 -17.11 -14.13 -6.23
C SER A 232 -18.14 -13.34 -7.01
N SER A 233 -17.65 -12.47 -7.89
CA SER A 233 -18.55 -11.55 -8.59
C SER A 233 -19.38 -12.26 -9.65
N ASP A 234 -18.92 -13.42 -10.13
CA ASP A 234 -19.75 -14.18 -11.06
C ASP A 234 -20.97 -14.77 -10.36
N THR A 235 -20.85 -15.03 -9.05
CA THR A 235 -21.97 -15.42 -8.20
C THR A 235 -22.17 -14.40 -7.08
N TYR A 236 -21.88 -13.12 -7.39
CA TYR A 236 -22.25 -12.01 -6.52
C TYR A 236 -23.65 -12.29 -6.10
N GLU A 237 -24.36 -12.82 -7.09
CA GLU A 237 -25.76 -13.20 -7.05
C GLU A 237 -26.04 -14.26 -5.95
N GLU A 238 -25.25 -15.39 -5.68
CA GLU A 238 -25.38 -15.87 -4.26
C GLU A 238 -24.73 -14.92 -3.29
N ASP A 239 -23.58 -14.33 -3.62
CA ASP A 239 -22.71 -14.02 -2.49
C ASP A 239 -23.32 -12.94 -1.57
N SER A 240 -24.05 -11.97 -2.09
CA SER A 240 -24.77 -11.01 -1.24
C SER A 240 -25.82 -11.72 -0.39
N GLU A 241 -26.59 -12.61 -1.04
CA GLU A 241 -27.44 -13.63 -0.44
C GLU A 241 -26.88 -14.39 0.75
N LEU A 242 -25.74 -15.06 0.59
CA LEU A 242 -25.13 -15.77 1.69
C LEU A 242 -24.65 -14.80 2.76
N LEU A 243 -24.03 -13.69 2.34
CA LEU A 243 -23.52 -12.69 3.27
C LEU A 243 -24.61 -12.10 4.16
N LEU A 244 -25.82 -11.93 3.62
CA LEU A 244 -26.93 -11.41 4.43
C LEU A 244 -27.24 -12.31 5.62
N GLN A 245 -27.26 -13.63 5.40
CA GLN A 245 -27.42 -14.58 6.50
C GLN A 245 -26.29 -14.49 7.51
N ILE A 246 -25.04 -14.47 7.05
CA ILE A 246 -23.93 -14.40 7.98
C ILE A 246 -24.00 -13.12 8.81
N ARG A 247 -24.44 -12.03 8.19
CA ARG A 247 -24.63 -10.79 8.92
C ARG A 247 -25.59 -10.99 10.09
N ASN A 248 -26.77 -11.57 9.82
CA ASN A 248 -27.70 -11.88 10.91
C ASN A 248 -27.14 -12.97 11.82
N ASP A 249 -26.51 -13.99 11.24
CA ASP A 249 -26.05 -15.14 12.03
C ASP A 249 -24.97 -14.75 13.02
N VAL A 250 -23.97 -13.98 12.58
CA VAL A 250 -22.85 -13.71 13.49
C VAL A 250 -23.20 -12.56 14.44
N LEU A 251 -23.94 -11.55 13.97
CA LEU A 251 -24.23 -10.41 14.83
C LEU A 251 -25.19 -10.79 15.95
N ASP A 252 -26.20 -11.62 15.65
CA ASP A 252 -27.06 -12.14 16.71
C ASP A 252 -26.28 -13.08 17.63
N SER A 253 -25.41 -13.91 17.04
CA SER A 253 -24.58 -14.81 17.84
C SER A 253 -23.78 -14.04 18.88
N LEU A 254 -23.23 -12.89 18.47
CA LEU A 254 -22.42 -12.04 19.34
C LEU A 254 -23.27 -11.05 20.13
N GLY A 255 -24.59 -11.11 19.99
CA GLY A 255 -25.48 -10.17 20.67
C GLY A 255 -25.28 -8.74 20.26
N ILE A 256 -25.10 -8.49 18.96
CA ILE A 256 -24.86 -7.15 18.44
C ILE A 256 -25.98 -6.84 17.46
N SER A 257 -26.26 -5.55 17.30
CA SER A 257 -27.36 -5.16 16.42
C SER A 257 -26.99 -5.47 14.96
N PRO A 258 -27.97 -5.91 14.16
CA PRO A 258 -27.66 -6.23 12.76
C PRO A 258 -27.30 -5.02 11.92
N ASP A 259 -27.63 -3.81 12.36
CA ASP A 259 -27.35 -2.60 11.61
C ASP A 259 -26.08 -1.88 12.05
N LEU A 260 -25.21 -2.54 12.82
CA LEU A 260 -23.92 -1.94 13.15
C LEU A 260 -23.07 -1.69 11.91
N LEU A 261 -23.02 -2.66 11.01
CA LEU A 261 -22.35 -2.60 9.73
C LEU A 261 -23.37 -2.33 8.62
N PRO A 262 -22.96 -1.70 7.52
CA PRO A 262 -23.93 -1.31 6.49
C PRO A 262 -24.73 -2.51 5.97
N GLU A 263 -26.01 -2.26 5.70
CA GLU A 263 -26.87 -3.28 5.12
C GLU A 263 -26.31 -3.74 3.78
N ASP A 264 -25.93 -2.79 2.93
CA ASP A 264 -25.43 -3.04 1.59
C ASP A 264 -23.94 -3.32 1.56
N PHE A 265 -23.36 -3.78 2.67
CA PHE A 265 -21.93 -4.11 2.71
C PHE A 265 -21.55 -5.08 1.61
N VAL A 266 -22.51 -5.85 1.11
CA VAL A 266 -22.24 -6.85 0.09
C VAL A 266 -21.73 -6.24 -1.21
N ARG A 267 -21.93 -4.95 -1.43
CA ARG A 267 -21.55 -4.36 -2.71
C ARG A 267 -20.10 -3.88 -2.77
N TYR A 268 -19.42 -3.77 -1.63
CA TYR A 268 -18.08 -3.21 -1.58
C TYR A 268 -17.06 -4.19 -1.04
N CYS A 269 -17.41 -5.48 -0.98
CA CYS A 269 -16.52 -6.51 -0.47
C CYS A 269 -16.31 -7.64 -1.48
N PHE A 270 -16.46 -7.37 -2.76
CA PHE A 270 -16.34 -8.37 -3.81
C PHE A 270 -15.07 -8.17 -4.62
N SER A 271 -14.37 -9.28 -4.88
CA SER A 271 -13.28 -9.33 -5.84
C SER A 271 -12.03 -8.63 -5.31
N GLU A 272 -10.99 -8.59 -6.12
CA GLU A 272 -9.70 -8.05 -5.74
C GLU A 272 -9.38 -6.84 -6.60
N MET A 273 -9.08 -5.72 -5.94
CA MET A 273 -8.70 -4.49 -6.61
C MET A 273 -7.22 -4.23 -6.35
N ALA A 274 -6.46 -4.01 -7.42
CA ALA A 274 -5.02 -3.83 -7.28
C ALA A 274 -4.65 -2.72 -6.31
N PRO A 275 -5.24 -1.51 -6.35
CA PRO A 275 -4.86 -0.49 -5.37
C PRO A 275 -5.11 -0.90 -3.92
N VAL A 276 -6.20 -1.65 -3.67
CA VAL A 276 -6.49 -2.08 -2.31
C VAL A 276 -5.46 -3.10 -1.83
N CYS A 277 -5.09 -4.03 -2.70
CA CYS A 277 -4.01 -4.96 -2.38
C CYS A 277 -2.70 -4.22 -2.14
N ALA A 278 -2.45 -3.15 -2.90
CA ALA A 278 -1.23 -2.37 -2.73
C ALA A 278 -1.18 -1.72 -1.36
N VAL A 279 -2.30 -1.12 -0.93
CA VAL A 279 -2.32 -0.43 0.36
C VAL A 279 -2.17 -1.42 1.51
N VAL A 280 -2.96 -2.49 1.48
CA VAL A 280 -2.93 -3.46 2.58
C VAL A 280 -1.63 -4.24 2.57
N GLY A 281 -1.13 -4.59 1.38
CA GLY A 281 0.15 -5.27 1.29
C GLY A 281 1.31 -4.41 1.77
N GLY A 282 1.27 -3.11 1.45
CA GLY A 282 2.30 -2.21 1.94
C GLY A 282 2.31 -2.09 3.45
N ILE A 283 1.12 -1.97 4.05
CA ILE A 283 1.02 -1.89 5.50
C ILE A 283 1.51 -3.17 6.15
N LEU A 284 1.06 -4.31 5.63
CA LEU A 284 1.41 -5.60 6.22
C LEU A 284 2.90 -5.88 6.07
N ALA A 285 3.48 -5.62 4.90
CA ALA A 285 4.90 -5.86 4.71
C ALA A 285 5.74 -4.98 5.64
N GLN A 286 5.36 -3.71 5.79
CA GLN A 286 6.06 -2.85 6.74
C GLN A 286 5.95 -3.37 8.15
N GLU A 287 4.80 -3.93 8.52
CA GLU A 287 4.64 -4.54 9.83
C GLU A 287 5.58 -5.74 9.99
N ILE A 288 5.71 -6.55 8.93
CA ILE A 288 6.62 -7.69 8.99
C ILE A 288 8.05 -7.20 9.12
N VAL A 289 8.42 -6.15 8.37
CA VAL A 289 9.77 -5.59 8.46
C VAL A 289 10.03 -5.03 9.86
N LYS A 290 9.04 -4.32 10.42
CA LYS A 290 9.19 -3.82 11.79
C LYS A 290 9.47 -4.96 12.75
N ALA A 291 8.69 -6.04 12.67
CA ALA A 291 8.85 -7.14 13.61
C ALA A 291 10.19 -7.84 13.45
N LEU A 292 10.61 -8.08 12.20
CA LEU A 292 11.89 -8.76 11.98
C LEU A 292 13.07 -7.89 12.39
N SER A 293 13.05 -6.61 12.02
CA SER A 293 14.11 -5.67 12.39
C SER A 293 14.02 -5.17 13.81
N GLN A 294 12.89 -5.40 14.50
CA GLN A 294 12.71 -5.02 15.89
C GLN A 294 12.87 -3.52 16.12
N ARG A 295 12.29 -2.72 15.22
CA ARG A 295 12.26 -1.27 15.38
C ARG A 295 10.83 -0.80 15.22
N ASP A 296 10.50 0.29 15.92
CA ASP A 296 9.23 1.02 15.83
C ASP A 296 8.10 0.18 16.43
N PRO A 297 7.07 0.81 16.97
CA PRO A 297 5.97 0.05 17.58
C PRO A 297 5.11 -0.59 16.51
N PRO A 298 4.98 -1.92 16.53
CA PRO A 298 4.08 -2.57 15.57
C PRO A 298 2.63 -2.28 15.93
N HIS A 299 1.81 -2.18 14.89
CA HIS A 299 0.37 -2.07 15.08
C HIS A 299 -0.15 -3.24 15.90
N ASN A 300 -0.95 -2.94 16.91
CA ASN A 300 -1.43 -3.96 17.84
C ASN A 300 -2.93 -3.76 18.03
N ASN A 301 -3.71 -4.65 17.42
CA ASN A 301 -3.17 -5.80 16.69
C ASN A 301 -3.82 -5.94 15.32
N PHE A 302 -4.85 -5.14 15.06
CA PHE A 302 -5.57 -5.13 13.80
C PHE A 302 -5.39 -3.80 13.09
N PHE A 303 -5.27 -3.85 11.77
CA PHE A 303 -5.32 -2.66 10.94
C PHE A 303 -6.40 -2.90 9.90
N PHE A 304 -7.40 -2.01 9.86
CA PHE A 304 -8.52 -2.13 8.95
C PHE A 304 -8.47 -1.00 7.93
N PHE A 305 -8.50 -1.34 6.65
CA PHE A 305 -8.49 -0.37 5.58
C PHE A 305 -9.82 -0.40 4.83
N ASP A 306 -10.40 0.77 4.62
CA ASP A 306 -11.61 0.93 3.83
C ASP A 306 -11.26 1.80 2.64
N GLY A 307 -11.25 1.21 1.44
CA GLY A 307 -10.89 1.92 0.24
C GLY A 307 -11.95 2.88 -0.26
N MET A 308 -13.15 2.84 0.31
CA MET A 308 -14.20 3.78 -0.05
C MET A 308 -14.10 5.08 0.73
N LYS A 309 -13.88 4.99 2.04
CA LYS A 309 -13.69 6.18 2.86
C LYS A 309 -12.23 6.59 3.00
N GLY A 310 -11.29 5.79 2.50
CA GLY A 310 -9.90 6.17 2.58
C GLY A 310 -9.32 6.12 3.99
N ASN A 311 -9.87 5.27 4.86
CA ASN A 311 -9.44 5.23 6.25
C ASN A 311 -8.62 3.98 6.52
N GLY A 312 -7.70 4.12 7.48
CA GLY A 312 -6.95 3.00 8.01
C GLY A 312 -7.05 3.09 9.52
N ILE A 313 -7.61 2.06 10.14
CA ILE A 313 -7.94 2.09 11.56
C ILE A 313 -7.22 0.95 12.26
N VAL A 314 -6.51 1.27 13.34
CA VAL A 314 -5.83 0.28 14.16
C VAL A 314 -6.73 -0.05 15.35
N GLU A 315 -6.96 -1.34 15.58
CA GLU A 315 -7.77 -1.79 16.69
C GLU A 315 -6.97 -2.79 17.52
N CYS A 316 -7.13 -2.73 18.84
CA CYS A 316 -6.57 -3.70 19.76
C CYS A 316 -7.73 -4.52 20.30
N LEU A 317 -7.83 -5.78 19.86
CA LEU A 317 -8.94 -6.64 20.24
C LEU A 317 -8.43 -8.00 20.67
N GLY A 318 -9.04 -8.55 21.71
CA GLY A 318 -8.67 -9.85 22.24
C GLY A 318 -8.30 -9.85 23.71
N PRO A 319 -7.54 -8.84 24.17
CA PRO A 319 -7.34 -8.78 25.62
C PRO A 319 -8.26 -7.78 26.29
N ALA B 27 -19.32 2.55 -17.61
CA ALA B 27 -18.42 3.09 -16.60
C ALA B 27 -17.00 2.55 -16.76
N GLN B 28 -16.86 1.23 -16.86
CA GLN B 28 -15.55 0.68 -17.23
C GLN B 28 -15.19 1.14 -18.63
N LYS B 29 -16.18 1.57 -19.40
CA LYS B 29 -15.93 2.05 -20.75
C LYS B 29 -14.98 3.24 -20.78
N ARG B 30 -15.10 4.19 -19.83
CA ARG B 30 -14.10 5.27 -19.90
C ARG B 30 -12.74 4.68 -19.67
N LEU B 31 -12.63 3.87 -18.59
CA LEU B 31 -11.36 3.37 -18.10
C LEU B 31 -10.59 2.69 -19.22
N ARG B 32 -11.27 1.87 -20.02
CA ARG B 32 -10.63 1.31 -21.21
C ARG B 32 -10.43 2.35 -22.32
N ALA B 33 -11.05 3.52 -22.21
CA ALA B 33 -10.86 4.60 -23.17
C ALA B 33 -10.00 5.74 -22.63
N SER B 34 -9.50 5.63 -21.39
CA SER B 34 -8.79 6.72 -20.74
C SER B 34 -7.29 6.59 -20.93
N ARG B 35 -6.65 7.68 -21.38
CA ARG B 35 -5.21 7.75 -21.50
C ARG B 35 -4.64 8.60 -20.37
N VAL B 36 -3.56 8.12 -19.75
CA VAL B 36 -3.00 8.74 -18.56
C VAL B 36 -1.53 9.05 -18.81
N LEU B 37 -1.11 10.26 -18.43
CA LEU B 37 0.29 10.66 -18.44
C LEU B 37 0.85 10.55 -17.02
N LEU B 38 1.97 9.84 -16.89
CA LEU B 38 2.64 9.65 -15.61
C LEU B 38 4.05 10.23 -15.69
N VAL B 39 4.35 11.19 -14.83
CA VAL B 39 5.63 11.89 -14.85
C VAL B 39 6.42 11.50 -13.61
N GLY B 40 7.65 11.05 -13.82
CA GLY B 40 8.51 10.64 -12.72
C GLY B 40 8.39 9.16 -12.44
N LEU B 41 9.43 8.39 -12.77
CA LEU B 41 9.36 6.95 -12.66
C LEU B 41 10.32 6.42 -11.62
N LYS B 42 10.33 7.05 -10.45
CA LYS B 42 10.97 6.52 -9.26
C LYS B 42 9.97 5.60 -8.54
N GLY B 43 10.23 5.30 -7.26
CA GLY B 43 9.43 4.28 -6.58
C GLY B 43 7.94 4.55 -6.60
N LEU B 44 7.54 5.80 -6.31
CA LEU B 44 6.12 6.11 -6.30
C LEU B 44 5.51 5.99 -7.69
N GLY B 45 6.19 6.52 -8.70
CA GLY B 45 5.66 6.42 -10.07
C GLY B 45 5.50 4.98 -10.52
N ALA B 46 6.44 4.12 -10.14
CA ALA B 46 6.33 2.71 -10.53
C ALA B 46 5.09 2.06 -9.92
N GLU B 47 4.78 2.39 -8.67
CA GLU B 47 3.58 1.85 -8.04
C GLU B 47 2.32 2.33 -8.74
N ILE B 48 2.26 3.62 -9.08
CA ILE B 48 1.08 4.15 -9.78
C ILE B 48 0.94 3.50 -11.15
N ALA B 49 2.05 3.38 -11.89
CA ALA B 49 2.01 2.75 -13.21
C ALA B 49 1.50 1.32 -13.11
N LYS B 50 1.98 0.57 -12.13
CA LYS B 50 1.57 -0.82 -11.99
C LYS B 50 0.07 -0.92 -11.75
N ASN B 51 -0.44 -0.07 -10.85
CA ASN B 51 -1.87 -0.09 -10.54
C ASN B 51 -2.71 0.34 -11.74
N LEU B 52 -2.28 1.38 -12.46
CA LEU B 52 -3.05 1.86 -13.61
C LEU B 52 -3.02 0.84 -14.75
N ILE B 53 -1.88 0.19 -14.98
CA ILE B 53 -1.79 -0.81 -16.04
C ILE B 53 -2.64 -2.02 -15.72
N LEU B 54 -2.60 -2.48 -14.46
CA LEU B 54 -3.44 -3.60 -14.05
C LEU B 54 -4.92 -3.25 -14.18
N ALA B 55 -5.28 -1.98 -13.95
CA ALA B 55 -6.68 -1.56 -14.06
C ALA B 55 -7.18 -1.58 -15.51
N GLY B 56 -6.29 -1.61 -16.48
CA GLY B 56 -6.72 -1.75 -17.88
C GLY B 56 -7.03 -0.46 -18.58
N VAL B 57 -6.32 0.63 -18.26
CA VAL B 57 -6.51 1.88 -18.97
C VAL B 57 -6.21 1.72 -20.46
N LYS B 58 -6.77 2.64 -21.26
CA LYS B 58 -6.46 2.73 -22.68
C LYS B 58 -4.96 2.76 -22.93
N GLY B 59 -4.30 3.75 -22.35
CA GLY B 59 -2.87 3.93 -22.55
C GLY B 59 -2.25 4.60 -21.35
N LEU B 60 -0.96 4.34 -21.14
CA LEU B 60 -0.19 5.01 -20.11
C LEU B 60 1.12 5.46 -20.71
N THR B 61 1.40 6.76 -20.64
CA THR B 61 2.67 7.31 -21.07
C THR B 61 3.52 7.59 -19.83
N MET B 62 4.66 6.92 -19.76
CA MET B 62 5.62 7.12 -18.67
C MET B 62 6.67 8.11 -19.15
N LEU B 63 6.70 9.29 -18.54
CA LEU B 63 7.62 10.36 -18.93
C LEU B 63 8.66 10.54 -17.83
N ASP B 64 9.93 10.45 -18.21
CA ASP B 64 11.03 10.72 -17.29
C ASP B 64 12.28 10.95 -18.13
N HIS B 65 12.92 12.10 -17.93
CA HIS B 65 14.16 12.37 -18.64
C HIS B 65 15.40 12.01 -17.84
N GLU B 66 15.23 11.58 -16.59
CA GLU B 66 16.36 11.27 -15.73
C GLU B 66 16.82 9.83 -15.95
N GLN B 67 18.08 9.58 -15.58
CA GLN B 67 18.64 8.24 -15.68
C GLN B 67 18.50 7.49 -14.37
N VAL B 68 18.55 6.16 -14.45
CA VAL B 68 18.53 5.33 -13.26
C VAL B 68 19.80 5.56 -12.46
N THR B 69 19.65 5.77 -11.16
CA THR B 69 20.76 5.93 -10.23
C THR B 69 20.96 4.64 -9.47
N PRO B 70 22.10 4.45 -8.80
CA PRO B 70 22.31 3.21 -8.04
C PRO B 70 21.22 2.92 -7.02
N GLU B 71 20.55 3.96 -6.52
CA GLU B 71 19.55 3.79 -5.47
C GLU B 71 18.17 3.42 -6.00
N ASP B 72 17.90 3.68 -7.29
CA ASP B 72 16.54 3.50 -7.82
C ASP B 72 16.00 2.09 -7.65
N PRO B 73 16.68 1.01 -7.98
CA PRO B 73 16.06 -0.32 -7.92
C PRO B 73 15.66 -0.78 -6.52
N GLY B 74 15.93 0.00 -5.47
CA GLY B 74 15.52 -0.42 -4.14
C GLY B 74 14.02 -0.43 -3.97
N ALA B 75 13.33 0.56 -4.55
CA ALA B 75 11.88 0.63 -4.55
C ALA B 75 11.29 0.64 -5.95
N GLN B 76 12.08 0.84 -6.99
CA GLN B 76 11.57 0.83 -8.36
C GLN B 76 11.65 -0.62 -8.82
N PHE B 77 10.52 -1.31 -8.77
CA PHE B 77 10.43 -2.73 -9.12
C PHE B 77 10.23 -2.97 -10.60
N LEU B 78 10.07 -1.91 -11.39
CA LEU B 78 9.94 -2.05 -12.83
C LEU B 78 11.28 -2.05 -13.54
N ILE B 79 12.36 -1.77 -12.81
CA ILE B 79 13.69 -1.62 -13.39
C ILE B 79 14.53 -2.83 -13.00
N ARG B 80 15.14 -3.45 -14.00
CA ARG B 80 16.04 -4.58 -13.82
C ARG B 80 17.31 -4.14 -13.13
N THR B 81 17.93 -5.07 -12.39
CA THR B 81 19.23 -4.80 -11.80
C THR B 81 20.25 -4.57 -12.91
N GLY B 82 21.18 -3.65 -12.68
CA GLY B 82 22.16 -3.32 -13.69
C GLY B 82 21.71 -2.34 -14.74
N SER B 83 20.68 -1.53 -14.44
CA SER B 83 20.18 -0.53 -15.38
C SER B 83 20.66 0.88 -15.04
N VAL B 84 21.68 1.02 -14.19
CA VAL B 84 22.21 2.33 -13.86
C VAL B 84 22.73 3.00 -15.12
N GLY B 85 22.31 4.26 -15.33
CA GLY B 85 22.70 5.01 -16.51
C GLY B 85 21.67 4.98 -17.62
N ARG B 86 20.77 4.00 -17.61
CA ARG B 86 19.67 3.95 -18.54
C ARG B 86 18.63 4.99 -18.20
N ASN B 87 17.90 5.46 -19.21
CA ASN B 87 16.76 6.33 -18.97
C ASN B 87 15.73 5.59 -18.13
N ARG B 88 15.20 6.28 -17.11
CA ARG B 88 14.35 5.63 -16.12
C ARG B 88 13.05 5.12 -16.72
N ALA B 89 12.45 5.89 -17.63
CA ALA B 89 11.20 5.46 -18.25
C ALA B 89 11.44 4.26 -19.18
N GLU B 90 12.46 4.35 -20.02
CA GLU B 90 12.79 3.22 -20.90
C GLU B 90 13.15 1.98 -20.09
N ALA B 91 13.84 2.16 -18.96
CA ALA B 91 14.21 1.02 -18.13
C ALA B 91 13.01 0.37 -17.47
N SER B 92 11.86 1.04 -17.45
CA SER B 92 10.65 0.51 -16.83
C SER B 92 9.70 -0.14 -17.83
N LEU B 93 9.93 0.03 -19.13
CA LEU B 93 8.91 -0.30 -20.12
C LEU B 93 8.62 -1.79 -20.17
N GLU B 94 9.67 -2.63 -20.26
CA GLU B 94 9.44 -4.05 -20.52
C GLU B 94 8.63 -4.68 -19.40
N ARG B 95 9.05 -4.47 -18.14
CA ARG B 95 8.31 -5.04 -17.03
C ARG B 95 6.96 -4.36 -16.84
N ALA B 96 6.84 -3.06 -17.13
CA ALA B 96 5.54 -2.40 -17.02
C ALA B 96 4.55 -2.94 -18.05
N GLN B 97 4.97 -3.04 -19.32
CA GLN B 97 4.06 -3.49 -20.36
C GLN B 97 3.59 -4.92 -20.13
N ASN B 98 4.49 -5.78 -19.61
CA ASN B 98 4.14 -7.17 -19.38
C ASN B 98 3.05 -7.33 -18.34
N LEU B 99 2.78 -6.29 -17.55
CA LEU B 99 1.72 -6.38 -16.54
C LEU B 99 0.35 -6.56 -17.20
N ASN B 100 0.13 -5.94 -18.34
CA ASN B 100 -1.15 -6.02 -19.04
C ASN B 100 -0.97 -5.73 -20.53
N PRO B 101 -0.89 -6.77 -21.37
CA PRO B 101 -0.73 -6.53 -22.81
C PRO B 101 -1.87 -5.75 -23.45
N MET B 102 -3.04 -5.68 -22.80
CA MET B 102 -4.15 -4.90 -23.34
C MET B 102 -3.94 -3.40 -23.19
N VAL B 103 -2.93 -2.95 -22.45
CA VAL B 103 -2.65 -1.54 -22.24
C VAL B 103 -1.56 -1.10 -23.19
N ASP B 104 -1.77 0.03 -23.87
CA ASP B 104 -0.75 0.61 -24.73
C ASP B 104 0.16 1.46 -23.85
N VAL B 105 1.24 0.86 -23.37
CA VAL B 105 2.18 1.54 -22.50
C VAL B 105 3.24 2.21 -23.38
N LYS B 106 3.43 3.51 -23.18
CA LYS B 106 4.40 4.27 -23.93
C LYS B 106 5.39 4.95 -23.00
N VAL B 107 6.56 5.23 -23.54
CA VAL B 107 7.64 5.92 -22.82
C VAL B 107 8.00 7.19 -23.56
N ASP B 108 8.32 8.24 -22.80
CA ASP B 108 8.71 9.53 -23.33
C ASP B 108 9.91 10.01 -22.54
N THR B 109 11.02 10.28 -23.21
CA THR B 109 12.28 10.61 -22.55
C THR B 109 12.56 12.12 -22.51
N GLU B 110 11.59 12.94 -22.92
CA GLU B 110 11.79 14.38 -22.98
C GLU B 110 11.37 15.08 -21.69
N ASP B 111 12.13 16.10 -21.32
CA ASP B 111 11.83 16.92 -20.14
C ASP B 111 10.41 17.45 -20.21
N ILE B 112 9.69 17.34 -19.10
CA ILE B 112 8.30 17.81 -19.04
C ILE B 112 8.22 19.31 -19.30
N GLU B 113 9.29 20.04 -18.96
CA GLU B 113 9.30 21.50 -19.13
C GLU B 113 9.37 21.90 -20.60
N LYS B 114 9.90 21.05 -21.47
CA LYS B 114 10.02 21.35 -22.89
C LYS B 114 8.77 20.98 -23.69
N LYS B 115 7.73 20.49 -23.02
CA LYS B 115 6.50 20.02 -23.67
C LYS B 115 5.54 21.19 -23.90
N PRO B 116 4.98 21.35 -25.10
CA PRO B 116 3.95 22.35 -25.31
C PRO B 116 2.62 21.93 -24.69
N GLU B 117 1.71 22.90 -24.61
CA GLU B 117 0.39 22.64 -24.04
C GLU B 117 -0.37 21.59 -24.84
N SER B 118 -0.17 21.55 -26.17
CA SER B 118 -0.86 20.58 -27.01
C SER B 118 -0.51 19.14 -26.64
N PHE B 119 0.65 18.91 -26.03
CA PHE B 119 1.03 17.56 -25.65
C PHE B 119 0.12 16.99 -24.56
N PHE B 120 -0.34 17.84 -23.65
CA PHE B 120 -1.17 17.38 -22.54
C PHE B 120 -2.61 17.08 -22.95
N THR B 121 -3.09 17.69 -24.04
CA THR B 121 -4.49 17.58 -24.41
C THR B 121 -4.87 16.16 -24.83
N GLN B 122 -3.90 15.32 -25.16
CA GLN B 122 -4.17 13.94 -25.56
C GLN B 122 -4.44 13.01 -24.38
N PHE B 123 -4.27 13.49 -23.15
CA PHE B 123 -4.42 12.67 -21.96
C PHE B 123 -5.70 13.04 -21.21
N ASP B 124 -6.32 12.03 -20.61
CA ASP B 124 -7.49 12.25 -19.77
C ASP B 124 -7.13 12.57 -18.33
N ALA B 125 -5.94 12.15 -17.88
CA ALA B 125 -5.47 12.49 -16.54
C ALA B 125 -3.97 12.65 -16.58
N VAL B 126 -3.46 13.58 -15.77
CA VAL B 126 -2.03 13.84 -15.64
C VAL B 126 -1.66 13.67 -14.19
N CYS B 127 -0.60 12.91 -13.93
CA CYS B 127 -0.13 12.63 -12.57
C CYS B 127 1.36 12.91 -12.48
N LEU B 128 1.75 13.78 -11.56
CA LEU B 128 3.13 14.23 -11.42
C LEU B 128 3.76 13.64 -10.17
N THR B 129 4.96 13.08 -10.31
CA THR B 129 5.82 12.77 -9.18
C THR B 129 7.21 13.31 -9.44
N CYS B 130 7.93 13.61 -8.35
CA CYS B 130 9.32 14.09 -8.41
C CYS B 130 9.47 15.40 -9.18
N CYS B 131 8.43 16.23 -9.20
CA CYS B 131 8.50 17.51 -9.89
C CYS B 131 8.67 18.66 -8.89
N SER B 132 9.37 19.70 -9.31
CA SER B 132 9.54 20.86 -8.46
C SER B 132 8.21 21.58 -8.31
N ARG B 133 8.14 22.46 -7.30
CA ARG B 133 6.90 23.17 -7.01
C ARG B 133 6.45 24.02 -8.21
N ASP B 134 7.40 24.70 -8.86
CA ASP B 134 7.04 25.52 -10.01
C ASP B 134 6.48 24.68 -11.16
N VAL B 135 7.06 23.50 -11.40
CA VAL B 135 6.53 22.62 -12.43
C VAL B 135 5.10 22.18 -12.08
N ILE B 136 4.85 21.91 -10.80
CA ILE B 136 3.56 21.39 -10.39
C ILE B 136 2.46 22.42 -10.63
N VAL B 137 2.73 23.69 -10.32
CA VAL B 137 1.74 24.73 -10.65
C VAL B 137 1.59 24.87 -12.16
N LYS B 138 2.71 24.94 -12.89
CA LYS B 138 2.64 25.20 -14.33
C LYS B 138 1.84 24.11 -15.05
N VAL B 139 2.07 22.84 -14.70
CA VAL B 139 1.30 21.77 -15.31
C VAL B 139 -0.15 21.82 -14.84
N ASP B 140 -0.38 22.18 -13.57
CA ASP B 140 -1.73 22.25 -13.03
C ASP B 140 -2.57 23.30 -13.75
N GLN B 141 -2.00 24.47 -14.04
CA GLN B 141 -2.77 25.50 -14.74
C GLN B 141 -3.10 25.07 -16.17
N ILE B 142 -2.21 24.33 -16.82
CA ILE B 142 -2.51 23.80 -18.15
C ILE B 142 -3.70 22.86 -18.08
N CYS B 143 -3.72 21.97 -17.07
CA CYS B 143 -4.79 20.99 -16.97
C CYS B 143 -6.14 21.63 -16.68
N HIS B 144 -6.16 22.63 -15.78
CA HIS B 144 -7.42 23.31 -15.49
C HIS B 144 -7.96 24.02 -16.72
N LYS B 145 -7.08 24.70 -17.46
CA LYS B 145 -7.52 25.44 -18.64
C LYS B 145 -8.01 24.49 -19.73
N ASN B 146 -7.45 23.29 -19.80
CA ASN B 146 -7.87 22.27 -20.76
C ASN B 146 -8.77 21.22 -20.14
N SER B 147 -9.22 21.44 -18.90
CA SER B 147 -10.16 20.55 -18.21
C SER B 147 -9.65 19.11 -18.17
N ILE B 148 -8.39 18.95 -17.82
CA ILE B 148 -7.76 17.64 -17.66
C ILE B 148 -7.58 17.35 -16.18
N LYS B 149 -7.93 16.13 -15.77
CA LYS B 149 -7.74 15.71 -14.39
C LYS B 149 -6.26 15.75 -14.03
N PHE B 150 -5.94 16.44 -12.93
CA PHE B 150 -4.56 16.64 -12.51
C PHE B 150 -4.32 16.00 -11.15
N PHE B 151 -3.19 15.31 -11.02
CA PHE B 151 -2.77 14.71 -9.76
C PHE B 151 -1.29 14.95 -9.56
N THR B 152 -0.87 14.99 -8.30
CA THR B 152 0.55 14.97 -7.96
C THR B 152 0.73 14.21 -6.65
N GLY B 153 1.92 13.66 -6.48
CA GLY B 153 2.24 12.96 -5.25
C GLY B 153 3.73 12.72 -5.15
N ASP B 154 4.18 12.50 -3.92
CA ASP B 154 5.59 12.23 -3.65
C ASP B 154 5.70 11.48 -2.33
N VAL B 155 6.81 10.75 -2.18
CA VAL B 155 7.17 10.13 -0.92
C VAL B 155 8.56 10.61 -0.51
N PHE B 156 8.72 10.92 0.76
CA PHE B 156 10.01 11.29 1.34
C PHE B 156 10.18 10.45 2.59
N GLY B 157 11.00 9.41 2.50
CA GLY B 157 11.19 8.53 3.64
C GLY B 157 9.87 7.89 4.04
N TYR B 158 9.53 8.00 5.32
CA TYR B 158 8.30 7.44 5.83
C TYR B 158 7.07 8.28 5.50
N HIS B 159 7.25 9.48 4.95
CA HIS B 159 6.14 10.38 4.70
C HIS B 159 5.75 10.35 3.22
N GLY B 160 4.49 10.68 2.97
CA GLY B 160 3.98 10.75 1.61
C GLY B 160 2.80 11.68 1.55
N TYR B 161 2.48 12.11 0.33
CA TYR B 161 1.34 13.00 0.12
C TYR B 161 0.78 12.74 -1.27
N THR B 162 -0.51 13.05 -1.43
CA THR B 162 -1.16 13.07 -2.73
C THR B 162 -2.03 14.31 -2.82
N PHE B 163 -2.16 14.83 -4.04
CA PHE B 163 -3.03 15.97 -4.31
C PHE B 163 -3.84 15.69 -5.56
N ALA B 164 -5.09 16.13 -5.56
CA ALA B 164 -5.98 15.98 -6.71
C ALA B 164 -6.65 17.32 -7.01
N ASN B 165 -6.67 17.69 -8.28
CA ASN B 165 -7.43 18.84 -8.76
C ASN B 165 -8.23 18.33 -9.97
N LEU B 166 -9.48 17.94 -9.72
CA LEU B 166 -10.35 17.49 -10.79
C LEU B 166 -11.37 18.55 -11.15
N GLY B 167 -11.34 19.68 -10.47
CA GLY B 167 -12.19 20.77 -10.86
C GLY B 167 -13.67 20.43 -10.92
N GLU B 168 -14.08 20.25 -12.17
CA GLU B 168 -15.43 20.02 -12.68
C GLU B 168 -15.66 18.49 -12.80
N HIS B 169 -15.99 17.87 -11.65
CA HIS B 169 -16.04 16.41 -11.48
C HIS B 169 -17.18 15.91 -10.58
N GLU B 170 -17.80 14.79 -10.96
CA GLU B 170 -18.76 14.01 -10.14
C GLU B 170 -18.34 13.79 -8.67
N VAL B 185 -18.62 17.24 -7.57
CA VAL B 185 -18.13 18.12 -6.51
C VAL B 185 -16.89 18.86 -7.00
N VAL B 186 -16.76 20.12 -6.58
CA VAL B 186 -15.75 21.03 -7.10
C VAL B 186 -14.42 20.81 -6.38
N PHE B 187 -13.34 20.82 -7.17
CA PHE B 187 -11.97 20.66 -6.70
C PHE B 187 -11.21 21.98 -6.77
N CYS B 188 -9.98 21.97 -6.29
CA CYS B 188 -9.23 23.21 -6.12
C CYS B 188 -7.83 23.13 -6.73
N PRO B 189 -7.35 24.24 -7.28
CA PRO B 189 -6.00 24.27 -7.87
C PRO B 189 -4.89 24.13 -6.84
N VAL B 190 -3.73 23.69 -7.31
CA VAL B 190 -2.60 23.37 -6.43
C VAL B 190 -1.87 24.60 -5.88
N LYS B 191 -1.77 25.69 -6.65
CA LYS B 191 -1.08 26.88 -6.13
C LYS B 191 -1.82 27.43 -4.91
N GLU B 192 -3.14 27.53 -5.00
CA GLU B 192 -3.93 27.96 -3.86
C GLU B 192 -3.93 26.91 -2.76
N ALA B 193 -3.81 25.63 -3.12
CA ALA B 193 -3.72 24.58 -2.12
C ALA B 193 -2.37 24.58 -1.42
N LEU B 194 -1.30 24.96 -2.12
CA LEU B 194 0.04 24.98 -1.53
C LEU B 194 0.37 26.27 -0.81
N GLU B 195 -0.46 27.30 -0.92
CA GLU B 195 -0.33 28.50 -0.12
C GLU B 195 -1.56 28.63 0.78
N VAL B 196 -1.32 28.74 2.08
CA VAL B 196 -2.42 28.79 3.04
C VAL B 196 -2.17 29.90 4.07
N THR B 210 -4.01 20.84 12.87
CA THR B 210 -2.62 20.43 13.04
C THR B 210 -2.08 19.87 11.73
N THR B 211 -1.93 18.55 11.66
CA THR B 211 -1.42 17.84 10.49
C THR B 211 -0.15 18.52 9.94
N SER B 212 0.88 18.54 10.79
CA SER B 212 2.14 19.20 10.48
C SER B 212 2.86 18.59 9.28
N ASP B 213 2.38 17.46 8.74
CA ASP B 213 2.94 16.95 7.50
C ASP B 213 2.77 17.94 6.35
N TYR B 214 1.75 18.79 6.40
CA TYR B 214 1.63 19.86 5.41
C TYR B 214 2.82 20.81 5.49
N PHE B 215 3.27 21.13 6.70
CA PHE B 215 4.43 21.99 6.88
C PHE B 215 5.73 21.26 6.52
N LEU B 216 5.77 19.94 6.72
CA LEU B 216 6.89 19.15 6.23
C LEU B 216 6.97 19.20 4.70
N LEU B 217 5.81 19.15 4.03
CA LEU B 217 5.78 19.21 2.57
C LEU B 217 6.39 20.50 2.05
N GLN B 218 6.08 21.63 2.70
CA GLN B 218 6.65 22.91 2.28
C GLN B 218 8.17 22.91 2.41
N VAL B 219 8.67 22.34 3.51
CA VAL B 219 10.11 22.23 3.72
C VAL B 219 10.74 21.36 2.63
N LEU B 220 10.13 20.21 2.36
CA LEU B 220 10.71 19.28 1.39
C LEU B 220 10.62 19.82 -0.03
N LEU B 221 9.57 20.57 -0.35
CA LEU B 221 9.45 21.14 -1.69
C LEU B 221 10.48 22.24 -1.90
N LYS B 222 10.87 22.94 -0.83
CA LYS B 222 11.88 23.97 -0.95
C LYS B 222 13.28 23.38 -0.94
N PHE B 223 13.46 22.23 -0.30
CA PHE B 223 14.70 21.47 -0.47
C PHE B 223 14.87 21.03 -1.92
N ARG B 224 13.79 20.53 -2.53
CA ARG B 224 13.86 20.09 -3.92
C ARG B 224 14.28 21.23 -4.84
N THR B 225 13.71 22.42 -4.65
CA THR B 225 14.13 23.57 -5.46
C THR B 225 15.55 24.00 -5.12
N ASP B 226 15.86 24.12 -3.82
CA ASP B 226 17.15 24.65 -3.40
C ASP B 226 18.29 23.71 -3.79
N LYS B 227 18.07 22.40 -3.67
CA LYS B 227 19.13 21.42 -3.90
C LYS B 227 19.07 20.76 -5.27
N GLY B 228 17.96 20.93 -6.00
CA GLY B 228 17.80 20.26 -7.28
C GLY B 228 17.56 18.77 -7.17
N ARG B 229 17.38 18.25 -5.97
CA ARG B 229 17.14 16.84 -5.74
C ARG B 229 16.46 16.70 -4.38
N ASP B 230 16.03 15.48 -4.07
CA ASP B 230 15.43 15.21 -2.77
C ASP B 230 16.49 14.74 -1.78
N PRO B 231 16.21 14.81 -0.47
CA PRO B 231 17.19 14.33 0.51
C PRO B 231 17.53 12.87 0.29
N SER B 232 18.83 12.57 0.28
CA SER B 232 19.33 11.23 0.02
C SER B 232 20.16 10.76 1.21
N SER B 233 20.07 9.46 1.51
CA SER B 233 20.67 8.95 2.73
C SER B 233 22.20 8.88 2.67
N ASP B 234 22.80 8.81 1.47
CA ASP B 234 24.25 8.86 1.39
C ASP B 234 24.79 10.24 1.78
N THR B 235 23.98 11.29 1.65
CA THR B 235 24.34 12.64 2.07
C THR B 235 23.46 13.09 3.23
N TYR B 236 23.17 12.16 4.14
CA TYR B 236 22.33 12.44 5.30
C TYR B 236 22.81 13.67 6.08
N GLU B 237 24.09 13.70 6.45
CA GLU B 237 24.60 14.80 7.28
C GLU B 237 24.48 16.15 6.57
N GLU B 238 24.92 16.21 5.31
CA GLU B 238 24.76 17.43 4.52
C GLU B 238 23.28 17.81 4.39
N ASP B 239 22.42 16.83 4.09
CA ASP B 239 21.04 17.16 3.76
C ASP B 239 20.24 17.53 5.02
N SER B 240 20.55 16.91 6.15
CA SER B 240 19.82 17.18 7.39
C SER B 240 19.99 18.61 7.88
N GLU B 241 21.22 19.12 7.91
CA GLU B 241 21.42 20.53 8.24
C GLU B 241 20.60 21.46 7.34
N LEU B 242 20.66 21.27 6.03
CA LEU B 242 19.89 22.14 5.14
C LEU B 242 18.40 22.04 5.43
N LEU B 243 17.88 20.82 5.65
CA LEU B 243 16.48 20.66 6.01
C LEU B 243 16.16 21.42 7.30
N LEU B 244 17.08 21.36 8.27
CA LEU B 244 16.89 22.12 9.51
C LEU B 244 16.89 23.62 9.25
N GLN B 245 17.81 24.10 8.41
CA GLN B 245 17.82 25.52 8.06
C GLN B 245 16.53 25.92 7.35
N ILE B 246 16.07 25.11 6.40
CA ILE B 246 14.84 25.43 5.67
C ILE B 246 13.65 25.48 6.63
N ARG B 247 13.62 24.56 7.60
CA ARG B 247 12.56 24.57 8.61
C ARG B 247 12.54 25.89 9.36
N ASN B 248 13.71 26.36 9.81
CA ASN B 248 13.78 27.65 10.50
C ASN B 248 13.36 28.78 9.57
N ASP B 249 13.78 28.73 8.32
CA ASP B 249 13.45 29.79 7.37
C ASP B 249 11.94 29.88 7.16
N VAL B 250 11.28 28.73 7.01
CA VAL B 250 9.85 28.76 6.71
C VAL B 250 9.02 29.00 7.97
N LEU B 251 9.55 28.69 9.15
CA LEU B 251 8.90 29.10 10.39
C LEU B 251 8.67 30.60 10.41
N ASP B 252 9.69 31.37 10.03
CA ASP B 252 9.62 32.82 10.06
C ASP B 252 8.62 33.34 9.04
N SER B 253 8.49 32.63 7.91
CA SER B 253 7.60 33.06 6.84
C SER B 253 6.20 33.26 7.38
N LEU B 254 5.64 32.23 8.01
CA LEU B 254 4.27 32.16 8.53
C LEU B 254 4.13 32.60 9.99
N GLY B 255 5.21 32.97 10.66
CA GLY B 255 5.14 33.38 12.06
C GLY B 255 4.56 32.28 12.93
N ILE B 256 5.01 31.04 12.76
CA ILE B 256 4.42 29.90 13.42
C ILE B 256 5.43 29.22 14.34
N SER B 257 4.91 28.46 15.30
CA SER B 257 5.71 27.88 16.38
C SER B 257 6.74 26.88 15.83
N PRO B 258 7.92 26.81 16.45
CA PRO B 258 9.00 25.98 15.87
C PRO B 258 8.78 24.48 15.94
N ASP B 259 8.08 23.96 16.94
CA ASP B 259 7.82 22.53 17.03
C ASP B 259 6.40 22.16 16.61
N LEU B 260 5.77 22.98 15.76
CA LEU B 260 4.78 22.41 14.87
C LEU B 260 5.43 21.26 14.11
N LEU B 261 6.63 21.49 13.59
CA LEU B 261 7.48 20.43 13.04
C LEU B 261 8.61 20.15 14.03
N PRO B 262 8.64 18.98 14.67
CA PRO B 262 9.74 18.67 15.59
C PRO B 262 11.07 18.68 14.87
N GLU B 263 12.12 19.06 15.60
CA GLU B 263 13.46 19.12 15.02
C GLU B 263 13.86 17.79 14.38
N ASP B 264 13.56 16.67 15.04
CA ASP B 264 14.06 15.38 14.55
C ASP B 264 13.26 14.85 13.37
N PHE B 265 12.48 15.70 12.69
CA PHE B 265 11.78 15.28 11.49
C PHE B 265 12.74 14.77 10.42
N VAL B 266 13.98 15.24 10.44
CA VAL B 266 14.98 14.88 9.44
C VAL B 266 15.30 13.40 9.43
N ARG B 267 14.95 12.67 10.48
CA ARG B 267 15.35 11.27 10.54
C ARG B 267 14.43 10.36 9.74
N TYR B 268 13.25 10.85 9.35
CA TYR B 268 12.23 10.00 8.75
C TYR B 268 11.78 10.46 7.36
N CYS B 269 12.56 11.31 6.68
CA CYS B 269 12.16 11.79 5.37
C CYS B 269 13.23 11.52 4.31
N PHE B 270 14.05 10.49 4.53
CA PHE B 270 15.12 10.14 3.61
C PHE B 270 14.79 8.86 2.85
N SER B 271 15.07 8.87 1.55
CA SER B 271 15.08 7.70 0.67
C SER B 271 13.69 7.19 0.33
N GLU B 272 13.63 6.11 -0.45
CA GLU B 272 12.38 5.53 -0.91
C GLU B 272 12.25 4.13 -0.34
N MET B 273 11.15 3.87 0.36
CA MET B 273 10.86 2.57 0.90
C MET B 273 9.65 1.99 0.19
N ALA B 274 9.79 0.76 -0.31
CA ALA B 274 8.71 0.15 -1.10
C ALA B 274 7.36 0.14 -0.40
N PRO B 275 7.24 -0.22 0.89
CA PRO B 275 5.90 -0.20 1.51
C PRO B 275 5.25 1.18 1.51
N VAL B 276 6.03 2.25 1.68
CA VAL B 276 5.44 3.59 1.66
C VAL B 276 4.99 3.95 0.24
N CYS B 277 5.83 3.64 -0.75
CA CYS B 277 5.42 3.84 -2.15
C CYS B 277 4.20 3.00 -2.48
N ALA B 278 4.13 1.78 -1.94
CA ALA B 278 2.97 0.92 -2.20
C ALA B 278 1.70 1.55 -1.66
N VAL B 279 1.75 2.07 -0.43
CA VAL B 279 0.55 2.65 0.17
C VAL B 279 0.14 3.92 -0.55
N VAL B 280 1.09 4.83 -0.77
CA VAL B 280 0.77 6.12 -1.39
C VAL B 280 0.40 5.92 -2.85
N GLY B 281 1.09 5.03 -3.56
CA GLY B 281 0.73 4.74 -4.93
C GLY B 281 -0.65 4.10 -5.06
N GLY B 282 -0.98 3.21 -4.13
CA GLY B 282 -2.30 2.59 -4.15
C GLY B 282 -3.42 3.58 -3.92
N ILE B 283 -3.23 4.50 -2.96
CA ILE B 283 -4.25 5.50 -2.69
C ILE B 283 -4.42 6.42 -3.91
N LEU B 284 -3.30 6.92 -4.45
CA LEU B 284 -3.36 7.85 -5.57
C LEU B 284 -3.92 7.19 -6.82
N ALA B 285 -3.51 5.95 -7.09
CA ALA B 285 -4.03 5.23 -8.26
C ALA B 285 -5.54 5.03 -8.16
N GLN B 286 -6.03 4.68 -6.97
CA GLN B 286 -7.48 4.55 -6.79
C GLN B 286 -8.17 5.86 -7.09
N GLU B 287 -7.54 6.99 -6.74
CA GLU B 287 -8.10 8.29 -7.09
C GLU B 287 -8.15 8.50 -8.59
N ILE B 288 -7.09 8.12 -9.30
CA ILE B 288 -7.07 8.26 -10.76
C ILE B 288 -8.15 7.38 -11.37
N VAL B 289 -8.27 6.14 -10.89
CA VAL B 289 -9.32 5.27 -11.39
C VAL B 289 -10.68 5.87 -11.07
N LYS B 290 -10.86 6.38 -9.85
CA LYS B 290 -12.11 7.03 -9.48
C LYS B 290 -12.44 8.20 -10.42
N ALA B 291 -11.48 9.09 -10.62
CA ALA B 291 -11.73 10.27 -11.44
C ALA B 291 -11.97 9.88 -12.89
N LEU B 292 -11.15 8.98 -13.44
CA LEU B 292 -11.40 8.49 -14.78
C LEU B 292 -12.70 7.73 -14.81
N SER B 293 -12.97 6.97 -13.76
CA SER B 293 -14.24 6.27 -13.62
C SER B 293 -15.40 7.16 -13.18
N GLN B 294 -15.16 8.43 -12.83
CA GLN B 294 -16.27 9.37 -12.54
C GLN B 294 -17.27 8.71 -11.59
N ARG B 295 -16.73 7.93 -10.67
CA ARG B 295 -17.50 7.13 -9.73
C ARG B 295 -16.92 7.37 -8.36
N ASP B 296 -17.78 7.21 -7.34
CA ASP B 296 -17.30 7.17 -5.97
C ASP B 296 -16.78 8.52 -5.52
N PRO B 297 -16.81 8.82 -4.23
CA PRO B 297 -16.37 10.14 -3.75
C PRO B 297 -14.86 10.30 -3.89
N PRO B 298 -14.41 11.28 -4.65
CA PRO B 298 -12.96 11.51 -4.75
C PRO B 298 -12.34 12.17 -3.54
N HIS B 299 -11.11 11.76 -3.26
CA HIS B 299 -10.25 12.37 -2.26
C HIS B 299 -10.06 13.85 -2.54
N ASN B 300 -10.37 14.69 -1.55
CA ASN B 300 -10.36 16.13 -1.72
C ASN B 300 -9.80 16.82 -0.49
N ASN B 301 -8.61 17.41 -0.62
CA ASN B 301 -7.88 17.51 -1.88
C ASN B 301 -6.44 17.08 -1.65
N PHE B 302 -6.08 16.94 -0.38
CA PHE B 302 -4.77 16.50 0.02
C PHE B 302 -4.91 15.21 0.83
N PHE B 303 -3.98 14.28 0.62
CA PHE B 303 -3.88 13.08 1.45
C PHE B 303 -2.46 13.00 1.97
N PHE B 304 -2.30 12.93 3.29
CA PHE B 304 -1.00 12.85 3.93
C PHE B 304 -0.84 11.50 4.59
N PHE B 305 0.23 10.79 4.25
CA PHE B 305 0.53 9.49 4.84
C PHE B 305 1.82 9.59 5.65
N ASP B 306 1.78 9.05 6.87
CA ASP B 306 2.95 8.95 7.73
C ASP B 306 3.19 7.46 7.98
N GLY B 307 4.28 6.94 7.44
CA GLY B 307 4.59 5.53 7.56
C GLY B 307 5.03 5.07 8.92
N MET B 308 5.25 5.99 9.86
CA MET B 308 5.56 5.59 11.23
C MET B 308 4.29 5.17 11.97
N LYS B 309 3.27 6.04 11.96
CA LYS B 309 2.00 5.69 12.58
C LYS B 309 1.28 4.59 11.79
N GLY B 310 1.26 4.72 10.48
CA GLY B 310 0.48 3.84 9.62
C GLY B 310 -0.94 4.30 9.39
N ASN B 311 -1.23 5.58 9.59
CA ASN B 311 -2.55 6.16 9.40
C ASN B 311 -2.54 7.14 8.24
N GLY B 312 -3.72 7.33 7.64
CA GLY B 312 -3.87 8.29 6.57
C GLY B 312 -5.01 9.28 6.75
N ILE B 313 -4.70 10.57 6.69
CA ILE B 313 -5.66 11.64 6.97
C ILE B 313 -5.81 12.49 5.72
N VAL B 314 -7.07 12.73 5.32
CA VAL B 314 -7.39 13.58 4.18
C VAL B 314 -7.69 14.98 4.68
N GLU B 315 -7.07 15.98 4.05
CA GLU B 315 -7.26 17.38 4.41
C GLU B 315 -7.66 18.19 3.20
N CYS B 316 -8.52 19.17 3.42
CA CYS B 316 -8.95 20.13 2.39
C CYS B 316 -8.28 21.46 2.67
N LEU B 317 -7.32 21.83 1.82
CA LEU B 317 -6.56 23.06 2.01
C LEU B 317 -6.49 23.88 0.72
#